data_7HGQ
#
_entry.id   7HGQ
#
_cell.length_a   40.904
_cell.length_b   41.172
_cell.length_c   155.822
_cell.angle_alpha   90.00
_cell.angle_beta   90.00
_cell.angle_gamma   90.00
#
_symmetry.space_group_name_H-M   'P 21 21 21'
#
loop_
_entity.id
_entity.type
_entity.pdbx_description
1 polymer 'Hepatoma-derived growth factor-related protein 2'
2 non-polymer 'SULFATE ION'
3 non-polymer 1,2-ETHANEDIOL
4 non-polymer N,N,3,5-tetramethyl-1H-pyrazole-4-sulfonamide
5 water water
#
_entity_poly.entity_id   1
_entity_poly.type   'polypeptide(L)'
_entity_poly.pdbx_seq_one_letter_code
;GMPHAFKPGDLVFAKMKGYPHWPARIDDIADGAVKPPPNKYPIFFFGTHETAFLGPKDLFPYDKSKDKYGKPNKRKGFNE
GLWEIQNNPHASYS
;
_entity_poly.pdbx_strand_id   A,B,C
#
loop_
_chem_comp.id
_chem_comp.type
_chem_comp.name
_chem_comp.formula
EDO non-polymer 1,2-ETHANEDIOL 'C2 H6 O2'
K2S non-polymer N,N,3,5-tetramethyl-1H-pyrazole-4-sulfonamide 'C7 H13 N3 O2 S'
SO4 non-polymer 'SULFATE ION' 'O4 S -2'
#
# COMPACT_ATOMS: atom_id res chain seq x y z
N MET A 2 -20.39 -5.92 18.56
CA MET A 2 -20.09 -7.30 18.11
C MET A 2 -19.39 -7.30 16.75
N PRO A 3 -18.24 -8.00 16.66
CA PRO A 3 -17.50 -8.18 15.41
C PRO A 3 -18.29 -8.62 14.18
N HIS A 4 -17.81 -8.14 13.04
CA HIS A 4 -18.21 -8.66 11.74
C HIS A 4 -17.06 -9.56 11.30
N ALA A 5 -17.21 -10.20 10.13
CA ALA A 5 -16.10 -10.82 9.42
C ALA A 5 -15.11 -9.73 9.03
N PHE A 6 -13.87 -10.13 8.74
CA PHE A 6 -12.88 -9.19 8.27
C PHE A 6 -13.28 -8.64 6.90
N LYS A 7 -12.93 -7.37 6.62
CA LYS A 7 -13.21 -6.80 5.32
C LYS A 7 -11.97 -6.05 4.83
N PRO A 8 -11.78 -5.81 3.50
CA PRO A 8 -10.67 -5.00 3.01
C PRO A 8 -10.53 -3.68 3.77
N GLY A 9 -9.30 -3.31 4.16
CA GLY A 9 -9.04 -2.11 4.95
C GLY A 9 -8.95 -2.32 6.47
N ASP A 10 -9.41 -3.47 7.01
CA ASP A 10 -9.30 -3.75 8.42
C ASP A 10 -7.84 -3.81 8.80
N LEU A 11 -7.47 -3.14 9.91
CA LEU A 11 -6.07 -3.15 10.33
C LEU A 11 -5.93 -4.24 11.39
N VAL A 12 -4.78 -4.91 11.42
CA VAL A 12 -4.59 -6.06 12.31
C VAL A 12 -3.11 -6.14 12.64
N PHE A 13 -2.79 -6.96 13.63
CA PHE A 13 -1.47 -7.58 13.69
C PHE A 13 -1.63 -9.00 13.17
N ALA A 14 -0.72 -9.42 12.31
CA ALA A 14 -0.96 -10.67 11.61
C ALA A 14 0.16 -11.58 12.06
N LYS A 15 -0.17 -12.82 12.45
CA LYS A 15 0.87 -13.70 12.98
C LYS A 15 1.30 -14.72 11.92
N MET A 16 2.59 -14.67 11.58
CA MET A 16 3.21 -15.77 10.86
C MET A 16 4.25 -16.49 11.71
N LYS A 17 4.37 -17.81 11.49
CA LYS A 17 5.36 -18.66 12.16
C LYS A 17 6.73 -18.04 11.99
N GLY A 18 7.42 -17.87 13.12
CA GLY A 18 8.79 -17.38 13.17
C GLY A 18 8.89 -15.86 13.07
N TYR A 19 7.74 -15.16 13.01
CA TYR A 19 7.72 -13.70 13.03
C TYR A 19 6.89 -13.27 14.22
N PRO A 20 7.16 -12.09 14.84
CA PRO A 20 6.25 -11.54 15.85
C PRO A 20 4.95 -11.06 15.18
N HIS A 21 3.90 -10.89 15.98
CA HIS A 21 2.68 -10.29 15.48
C HIS A 21 3.08 -8.99 14.79
N TRP A 22 2.67 -8.84 13.52
CA TRP A 22 3.20 -7.83 12.61
C TRP A 22 2.10 -6.89 12.15
N PRO A 23 2.30 -5.56 12.19
CA PRO A 23 1.32 -4.60 11.64
C PRO A 23 1.00 -4.85 10.16
N ALA A 24 -0.29 -4.97 9.87
CA ALA A 24 -0.79 -5.52 8.62
C ALA A 24 -2.22 -5.00 8.39
N ARG A 25 -2.75 -5.13 7.15
CA ARG A 25 -4.13 -4.74 6.86
C ARG A 25 -4.69 -5.82 5.92
N ILE A 26 -6.02 -6.00 5.89
CA ILE A 26 -6.63 -6.83 4.85
C ILE A 26 -6.62 -5.98 3.58
N ASP A 27 -5.83 -6.40 2.59
CA ASP A 27 -5.86 -5.75 1.30
C ASP A 27 -7.11 -6.11 0.51
N ASP A 28 -7.55 -5.15 -0.32
CA ASP A 28 -8.45 -5.45 -1.44
C ASP A 28 -7.75 -6.33 -2.47
N ILE A 29 -8.52 -7.14 -3.19
CA ILE A 29 -7.96 -7.81 -4.35
C ILE A 29 -8.26 -6.94 -5.59
N ALA A 30 -7.19 -6.45 -6.26
CA ALA A 30 -7.31 -5.52 -7.35
C ALA A 30 -7.79 -6.29 -8.57
N ASP A 31 -8.45 -5.59 -9.50
CA ASP A 31 -8.90 -6.24 -10.72
C ASP A 31 -7.70 -6.96 -11.30
N GLY A 32 -7.86 -8.25 -11.63
CA GLY A 32 -6.81 -9.00 -12.30
C GLY A 32 -5.72 -9.62 -11.40
N ALA A 33 -5.78 -9.40 -10.08
CA ALA A 33 -4.77 -9.87 -9.15
C ALA A 33 -5.15 -11.27 -8.70
N VAL A 34 -4.11 -12.06 -8.36
CA VAL A 34 -4.30 -13.40 -7.84
C VAL A 34 -5.19 -13.35 -6.59
N LYS A 35 -6.24 -14.18 -6.61
CA LYS A 35 -7.19 -14.28 -5.50
C LYS A 35 -6.60 -15.18 -4.40
N PRO A 36 -6.96 -14.94 -3.13
CA PRO A 36 -6.62 -15.87 -2.05
C PRO A 36 -7.32 -17.22 -2.13
N PRO A 37 -6.78 -18.28 -1.47
CA PRO A 37 -7.50 -19.53 -1.35
C PRO A 37 -8.75 -19.25 -0.53
N PRO A 38 -9.77 -20.13 -0.62
CA PRO A 38 -10.90 -20.14 0.31
C PRO A 38 -10.55 -19.86 1.78
N ASN A 39 -11.36 -19.02 2.41
CA ASN A 39 -11.24 -18.69 3.82
C ASN A 39 -9.90 -18.04 4.16
N LYS A 40 -9.16 -17.55 3.15
CA LYS A 40 -7.94 -16.77 3.34
C LYS A 40 -8.14 -15.33 2.81
N TYR A 41 -7.50 -14.35 3.47
CA TYR A 41 -7.46 -12.95 3.15
C TYR A 41 -6.09 -12.62 2.60
N PRO A 42 -5.98 -11.65 1.68
CA PRO A 42 -4.68 -11.14 1.28
C PRO A 42 -4.28 -10.15 2.39
N ILE A 43 -3.14 -10.40 3.01
CA ILE A 43 -2.64 -9.57 4.11
C ILE A 43 -1.43 -8.81 3.58
N PHE A 44 -1.51 -7.49 3.65
CA PHE A 44 -0.38 -6.67 3.33
C PHE A 44 0.23 -6.25 4.66
N PHE A 45 1.51 -6.61 4.82
CA PHE A 45 2.31 -6.39 6.01
C PHE A 45 3.00 -5.05 5.82
N PHE A 46 2.83 -4.16 6.80
CA PHE A 46 3.41 -2.82 6.74
C PHE A 46 4.91 -2.96 6.95
N GLY A 47 5.68 -2.01 6.38
CA GLY A 47 7.13 -2.00 6.54
C GLY A 47 7.84 -2.86 5.48
N THR A 48 7.52 -4.16 5.45
CA THR A 48 8.05 -5.10 4.46
C THR A 48 7.21 -5.00 3.18
N HIS A 49 5.97 -4.54 3.33
CA HIS A 49 5.11 -4.44 2.17
C HIS A 49 5.00 -5.77 1.45
N GLU A 50 5.18 -6.90 2.16
CA GLU A 50 4.94 -8.22 1.59
C GLU A 50 3.46 -8.54 1.75
N THR A 51 2.94 -9.47 0.90
CA THR A 51 1.59 -10.03 1.05
C THR A 51 1.74 -11.49 1.42
N ALA A 52 0.83 -11.98 2.28
CA ALA A 52 0.63 -13.42 2.41
C ALA A 52 -0.86 -13.62 2.59
N PHE A 53 -1.31 -14.86 2.35
CA PHE A 53 -2.70 -15.23 2.52
C PHE A 53 -2.86 -15.88 3.89
N LEU A 54 -3.64 -15.25 4.79
CA LEU A 54 -3.84 -15.77 6.14
C LEU A 54 -5.33 -15.99 6.39
N GLY A 55 -5.63 -16.98 7.25
CA GLY A 55 -6.96 -17.15 7.82
C GLY A 55 -7.10 -16.29 9.08
N PRO A 56 -8.35 -16.03 9.56
CA PRO A 56 -8.61 -15.24 10.75
C PRO A 56 -7.95 -15.68 12.06
N LYS A 57 -7.49 -16.95 12.14
CA LYS A 57 -6.82 -17.38 13.35
C LYS A 57 -5.51 -16.63 13.52
N ASP A 58 -4.98 -16.08 12.42
CA ASP A 58 -3.69 -15.43 12.52
C ASP A 58 -3.84 -13.91 12.50
N LEU A 59 -5.09 -13.44 12.62
CA LEU A 59 -5.42 -12.03 12.40
C LEU A 59 -5.97 -11.45 13.71
N PHE A 60 -5.24 -10.48 14.27
CA PHE A 60 -5.57 -9.84 15.54
C PHE A 60 -5.96 -8.37 15.30
N PRO A 61 -7.25 -8.00 15.43
CA PRO A 61 -7.68 -6.63 15.17
C PRO A 61 -6.86 -5.56 15.87
N TYR A 62 -6.44 -4.53 15.09
CA TYR A 62 -5.39 -3.59 15.48
C TYR A 62 -5.66 -2.92 16.82
N ASP A 63 -6.84 -2.30 16.94
CA ASP A 63 -7.12 -1.45 18.09
C ASP A 63 -7.10 -2.23 19.40
N LYS A 64 -7.68 -3.46 19.40
CA LYS A 64 -7.66 -4.36 20.56
C LYS A 64 -6.23 -4.77 20.94
N SER A 65 -5.36 -4.99 19.94
CA SER A 65 -4.09 -5.67 20.18
C SER A 65 -2.91 -4.70 20.22
N LYS A 66 -3.14 -3.43 19.86
CA LYS A 66 -2.01 -2.51 19.71
C LYS A 66 -1.25 -2.29 21.02
N ASP A 67 -1.96 -2.39 22.15
N ASP A 67 -1.91 -2.36 22.18
CA ASP A 67 -1.36 -2.24 23.47
CA ASP A 67 -1.12 -2.17 23.39
C ASP A 67 -0.31 -3.33 23.71
C ASP A 67 -0.15 -3.32 23.56
N LYS A 68 -0.56 -4.53 23.17
CA LYS A 68 0.35 -5.68 23.31
C LYS A 68 1.45 -5.69 22.24
N TYR A 69 1.07 -5.60 20.95
CA TYR A 69 2.00 -5.85 19.86
C TYR A 69 2.58 -4.55 19.29
N GLY A 70 1.97 -3.39 19.56
CA GLY A 70 2.37 -2.12 18.96
C GLY A 70 3.58 -1.51 19.66
N LYS A 71 4.68 -2.26 19.68
CA LYS A 71 5.92 -1.85 20.34
C LYS A 71 7.09 -2.12 19.40
N PRO A 72 8.16 -1.31 19.42
CA PRO A 72 9.24 -1.47 18.44
C PRO A 72 9.81 -2.89 18.54
N ASN A 73 10.27 -3.42 17.39
CA ASN A 73 10.86 -4.74 17.27
C ASN A 73 12.17 -4.62 16.48
N LYS A 74 13.09 -5.55 16.77
CA LYS A 74 14.41 -5.64 16.16
C LYS A 74 14.32 -5.96 14.66
N ARG A 75 13.15 -6.44 14.19
CA ARG A 75 13.02 -7.04 12.86
C ARG A 75 12.93 -6.01 11.72
N LYS A 76 13.35 -6.43 10.52
CA LYS A 76 13.44 -5.57 9.34
C LYS A 76 12.04 -5.10 8.97
N GLY A 77 11.87 -3.77 8.88
CA GLY A 77 10.67 -3.12 8.39
C GLY A 77 9.59 -3.04 9.46
N PHE A 78 9.89 -3.55 10.66
CA PHE A 78 8.86 -3.65 11.67
C PHE A 78 8.42 -2.26 12.15
N ASN A 79 9.37 -1.43 12.56
CA ASN A 79 9.05 -0.12 13.12
C ASN A 79 8.57 0.82 12.02
N GLU A 80 9.10 0.61 10.81
CA GLU A 80 8.52 1.29 9.68
C GLU A 80 7.06 0.87 9.56
N GLY A 81 6.81 -0.42 9.82
CA GLY A 81 5.45 -0.93 9.71
C GLY A 81 4.54 -0.30 10.75
N LEU A 82 5.08 -0.11 11.96
CA LEU A 82 4.37 0.57 13.04
C LEU A 82 4.02 2.00 12.64
N TRP A 83 4.96 2.73 12.02
CA TRP A 83 4.64 4.07 11.55
C TRP A 83 3.47 4.02 10.55
N GLU A 84 3.50 3.07 9.60
CA GLU A 84 2.53 3.11 8.52
C GLU A 84 1.15 2.79 9.09
N ILE A 85 1.09 1.80 9.99
CA ILE A 85 -0.23 1.38 10.41
C ILE A 85 -0.88 2.50 11.22
N GLN A 86 -0.06 3.29 11.93
CA GLN A 86 -0.52 4.35 12.81
C GLN A 86 -0.81 5.63 12.01
N ASN A 87 -0.04 5.90 10.95
CA ASN A 87 0.00 7.20 10.32
C ASN A 87 -0.64 7.24 8.92
N ASN A 88 -0.60 6.13 8.18
CA ASN A 88 -1.18 6.13 6.85
C ASN A 88 -1.43 4.68 6.43
N PRO A 89 -2.28 3.92 7.17
CA PRO A 89 -2.53 2.50 6.90
C PRO A 89 -3.23 2.19 5.60
N HIS A 90 -3.90 3.20 5.00
CA HIS A 90 -4.78 2.99 3.85
C HIS A 90 -4.17 3.53 2.56
N ALA A 91 -2.88 3.95 2.62
CA ALA A 91 -2.17 4.47 1.45
C ALA A 91 -1.78 3.34 0.50
N SER A 92 -1.41 3.74 -0.72
CA SER A 92 -0.79 2.86 -1.70
C SER A 92 0.69 2.72 -1.37
N TYR A 93 1.18 1.48 -1.20
CA TYR A 93 2.59 1.23 -0.92
C TYR A 93 3.22 0.44 -2.07
N SER A 94 2.51 0.38 -3.21
CA SER A 94 2.91 -0.29 -4.44
C SER A 94 4.13 0.39 -5.11
N MET B 2 -15.13 5.09 -41.04
CA MET B 2 -14.38 4.18 -41.96
C MET B 2 -14.19 2.83 -41.25
N PRO B 3 -14.55 1.69 -41.89
CA PRO B 3 -14.26 0.36 -41.35
C PRO B 3 -12.78 0.02 -41.25
N HIS B 4 -12.35 -0.26 -40.00
CA HIS B 4 -11.05 -0.84 -39.68
C HIS B 4 -11.25 -2.35 -39.49
N ALA B 5 -10.14 -3.09 -39.32
CA ALA B 5 -10.20 -4.54 -39.32
C ALA B 5 -11.00 -5.01 -38.11
N PHE B 6 -10.73 -4.35 -36.97
CA PHE B 6 -11.53 -4.45 -35.76
C PHE B 6 -12.57 -3.32 -35.71
N LYS B 7 -13.83 -3.72 -35.52
CA LYS B 7 -14.95 -2.81 -35.39
C LYS B 7 -15.61 -3.03 -34.02
N PRO B 8 -16.21 -1.99 -33.40
CA PRO B 8 -17.08 -2.15 -32.23
C PRO B 8 -17.89 -3.46 -32.13
N GLY B 9 -17.77 -4.12 -30.97
CA GLY B 9 -18.56 -5.31 -30.75
C GLY B 9 -17.78 -6.60 -31.02
N ASP B 10 -16.61 -6.49 -31.66
CA ASP B 10 -15.78 -7.64 -32.00
C ASP B 10 -15.16 -8.20 -30.72
N LEU B 11 -15.18 -9.53 -30.61
CA LEU B 11 -14.87 -10.23 -29.38
C LEU B 11 -13.42 -10.71 -29.42
N VAL B 12 -12.64 -10.37 -28.39
CA VAL B 12 -11.24 -10.70 -28.42
C VAL B 12 -10.80 -11.28 -27.07
N PHE B 13 -9.59 -11.83 -27.06
CA PHE B 13 -8.81 -11.81 -25.84
C PHE B 13 -7.76 -10.72 -26.02
N ALA B 14 -7.58 -9.86 -25.01
CA ALA B 14 -6.71 -8.71 -25.10
C ALA B 14 -5.53 -8.86 -24.13
N LYS B 15 -4.30 -8.63 -24.62
CA LYS B 15 -3.14 -8.90 -23.78
C LYS B 15 -2.63 -7.60 -23.19
N MET B 16 -2.58 -7.52 -21.85
CA MET B 16 -1.96 -6.40 -21.15
C MET B 16 -0.69 -6.93 -20.48
N LYS B 17 0.32 -6.06 -20.32
CA LYS B 17 1.54 -6.40 -19.58
C LYS B 17 1.20 -6.89 -18.17
N GLY B 18 1.70 -8.07 -17.81
CA GLY B 18 1.55 -8.66 -16.49
C GLY B 18 0.23 -9.38 -16.22
N TYR B 19 -0.57 -9.71 -17.27
CA TYR B 19 -1.82 -10.40 -17.03
C TYR B 19 -2.04 -11.41 -18.15
N PRO B 20 -2.87 -12.45 -17.91
CA PRO B 20 -3.22 -13.37 -18.99
C PRO B 20 -4.04 -12.68 -20.09
N HIS B 21 -4.01 -13.26 -21.28
CA HIS B 21 -4.89 -12.81 -22.34
C HIS B 21 -6.29 -12.80 -21.77
N TRP B 22 -6.95 -11.66 -21.91
CA TRP B 22 -8.11 -11.41 -21.10
C TRP B 22 -9.32 -11.26 -22.00
N PRO B 23 -10.48 -11.91 -21.69
CA PRO B 23 -11.70 -11.77 -22.49
C PRO B 23 -12.17 -10.31 -22.56
N ALA B 24 -12.35 -9.79 -23.78
CA ALA B 24 -12.55 -8.38 -23.99
C ALA B 24 -13.41 -8.16 -25.25
N ARG B 25 -13.90 -6.92 -25.43
CA ARG B 25 -14.56 -6.51 -26.67
C ARG B 25 -13.99 -5.16 -27.13
N ILE B 26 -13.98 -4.94 -28.45
CA ILE B 26 -13.70 -3.62 -29.02
C ILE B 26 -14.91 -2.76 -28.69
N ASP B 27 -14.65 -1.59 -28.07
CA ASP B 27 -15.71 -0.64 -27.78
C ASP B 27 -15.76 0.46 -28.86
N ASP B 28 -16.88 1.20 -28.87
N ASP B 28 -16.87 1.21 -28.92
CA ASP B 28 -17.12 2.43 -29.62
CA ASP B 28 -16.92 2.39 -29.77
C ASP B 28 -16.42 3.60 -28.90
C ASP B 28 -16.49 3.61 -28.95
N ILE B 29 -16.03 4.65 -29.66
CA ILE B 29 -15.42 5.83 -29.05
C ILE B 29 -16.46 6.93 -28.82
N ALA B 30 -16.47 7.50 -27.60
CA ALA B 30 -17.41 8.51 -27.09
C ALA B 30 -18.87 8.08 -27.30
N VAL B 34 -11.97 9.95 -24.23
CA VAL B 34 -10.60 10.19 -24.79
C VAL B 34 -10.41 9.30 -26.02
N LYS B 35 -9.97 9.89 -27.14
CA LYS B 35 -9.83 9.14 -28.39
C LYS B 35 -8.59 8.24 -28.32
N PRO B 36 -8.61 7.08 -29.03
CA PRO B 36 -7.48 6.13 -29.04
C PRO B 36 -6.13 6.67 -29.52
N PRO B 37 -4.98 6.29 -28.88
CA PRO B 37 -3.64 6.57 -29.41
C PRO B 37 -3.41 5.90 -30.76
N PRO B 38 -2.52 6.44 -31.63
CA PRO B 38 -2.35 5.96 -33.01
C PRO B 38 -3.16 4.77 -33.55
N ASN B 39 -2.56 3.57 -33.55
CA ASN B 39 -3.20 2.40 -34.18
C ASN B 39 -3.94 1.58 -33.14
N LYS B 40 -4.33 2.21 -32.03
CA LYS B 40 -4.89 1.51 -30.89
C LYS B 40 -6.43 1.59 -30.92
N TYR B 41 -7.10 0.66 -30.21
CA TYR B 41 -8.55 0.60 -30.10
C TYR B 41 -9.03 0.73 -28.65
N PRO B 42 -10.27 1.20 -28.42
CA PRO B 42 -10.87 1.12 -27.08
C PRO B 42 -11.18 -0.33 -26.78
N ILE B 43 -10.60 -0.86 -25.69
CA ILE B 43 -10.90 -2.23 -25.28
C ILE B 43 -11.65 -2.15 -23.96
N PHE B 44 -12.79 -2.85 -23.91
CA PHE B 44 -13.54 -3.10 -22.71
C PHE B 44 -13.27 -4.55 -22.30
N PHE B 45 -12.74 -4.72 -21.06
CA PHE B 45 -12.40 -6.02 -20.49
C PHE B 45 -13.55 -6.62 -19.70
N PHE B 46 -13.98 -7.79 -20.11
CA PHE B 46 -15.03 -8.46 -19.37
C PHE B 46 -14.53 -8.75 -17.96
N GLY B 47 -15.48 -8.93 -17.02
CA GLY B 47 -15.15 -9.37 -15.68
C GLY B 47 -14.74 -8.16 -14.85
N THR B 48 -13.67 -7.49 -15.25
CA THR B 48 -13.18 -6.35 -14.49
C THR B 48 -14.00 -5.12 -14.89
N HIS B 49 -14.45 -5.10 -16.16
CA HIS B 49 -15.14 -3.95 -16.72
C HIS B 49 -14.24 -2.73 -16.75
N GLU B 50 -12.93 -2.94 -16.78
CA GLU B 50 -12.02 -1.86 -17.05
C GLU B 50 -11.88 -1.64 -18.56
N THR B 51 -11.18 -0.57 -18.94
CA THR B 51 -10.97 -0.20 -20.34
C THR B 51 -9.49 0.16 -20.48
N ALA B 52 -8.93 -0.07 -21.65
CA ALA B 52 -7.59 0.42 -22.00
C ALA B 52 -7.51 0.57 -23.52
N PHE B 53 -6.39 1.08 -24.02
CA PHE B 53 -6.17 1.21 -25.46
C PHE B 53 -5.10 0.21 -25.88
N LEU B 54 -5.39 -0.59 -26.93
CA LEU B 54 -4.50 -1.65 -27.36
C LEU B 54 -4.48 -1.69 -28.88
N GLY B 55 -3.27 -1.94 -29.44
CA GLY B 55 -3.12 -2.07 -30.87
C GLY B 55 -3.38 -3.51 -31.26
N PRO B 56 -3.57 -3.82 -32.56
CA PRO B 56 -3.82 -5.20 -32.96
C PRO B 56 -2.91 -6.30 -32.43
N LYS B 57 -1.62 -6.01 -32.17
CA LYS B 57 -0.68 -7.08 -31.80
C LYS B 57 -1.11 -7.76 -30.49
N ASP B 58 -1.88 -7.01 -29.68
CA ASP B 58 -2.32 -7.48 -28.38
C ASP B 58 -3.77 -7.94 -28.43
N LEU B 59 -4.31 -8.12 -29.64
CA LEU B 59 -5.72 -8.38 -29.80
C LEU B 59 -5.88 -9.68 -30.59
N PHE B 60 -6.51 -10.66 -29.95
CA PHE B 60 -6.65 -11.98 -30.50
C PHE B 60 -8.12 -12.28 -30.70
N PRO B 61 -8.62 -12.30 -31.97
CA PRO B 61 -9.96 -12.79 -32.28
C PRO B 61 -10.38 -13.96 -31.41
N TYR B 62 -11.53 -13.78 -30.74
CA TYR B 62 -12.02 -14.69 -29.72
C TYR B 62 -12.17 -16.11 -30.25
N ASP B 63 -12.82 -16.27 -31.41
CA ASP B 63 -13.18 -17.59 -31.90
C ASP B 63 -11.93 -18.36 -32.27
N LYS B 64 -10.99 -17.68 -32.95
CA LYS B 64 -9.68 -18.27 -33.24
C LYS B 64 -8.97 -18.78 -31.96
N SER B 65 -9.01 -18.01 -30.86
CA SER B 65 -8.08 -18.26 -29.77
C SER B 65 -8.76 -18.62 -28.45
N LYS B 66 -10.05 -18.99 -28.46
CA LYS B 66 -10.80 -19.25 -27.24
C LYS B 66 -10.34 -20.56 -26.59
N ASP B 67 -9.82 -21.50 -27.38
CA ASP B 67 -9.36 -22.76 -26.81
C ASP B 67 -8.00 -22.62 -26.12
N LYS B 68 -7.18 -21.67 -26.59
CA LYS B 68 -5.88 -21.36 -26.01
C LYS B 68 -6.03 -20.49 -24.76
N TYR B 69 -6.90 -19.48 -24.82
CA TYR B 69 -6.87 -18.43 -23.80
C TYR B 69 -8.07 -18.53 -22.84
N GLY B 70 -9.06 -19.35 -23.17
CA GLY B 70 -10.30 -19.34 -22.44
C GLY B 70 -10.26 -20.25 -21.21
N LYS B 71 -9.07 -20.44 -20.61
CA LYS B 71 -8.92 -21.31 -19.47
C LYS B 71 -9.20 -20.48 -18.21
N PRO B 72 -10.10 -20.94 -17.31
CA PRO B 72 -10.27 -20.30 -15.99
C PRO B 72 -8.94 -20.18 -15.27
N ASN B 73 -8.78 -19.07 -14.51
CA ASN B 73 -7.59 -18.88 -13.70
C ASN B 73 -7.96 -18.16 -12.38
N LYS B 74 -6.95 -17.79 -11.59
CA LYS B 74 -7.23 -17.32 -10.23
C LYS B 74 -7.16 -15.79 -10.17
N ARG B 75 -7.25 -15.13 -11.33
CA ARG B 75 -7.18 -13.68 -11.31
C ARG B 75 -8.60 -13.15 -11.12
N LYS B 76 -8.73 -12.17 -10.21
CA LYS B 76 -9.96 -11.42 -9.96
C LYS B 76 -10.48 -10.84 -11.28
N GLY B 77 -11.72 -11.20 -11.60
CA GLY B 77 -12.41 -10.69 -12.78
C GLY B 77 -12.46 -11.73 -13.90
N PHE B 78 -11.62 -12.76 -13.80
CA PHE B 78 -11.23 -13.51 -14.98
C PHE B 78 -12.35 -14.41 -15.44
N ASN B 79 -12.76 -15.32 -14.55
CA ASN B 79 -13.86 -16.25 -14.77
C ASN B 79 -15.22 -15.54 -14.95
N GLU B 80 -15.37 -14.40 -14.31
CA GLU B 80 -16.47 -13.49 -14.59
C GLU B 80 -16.44 -13.04 -16.04
N GLY B 81 -15.24 -12.66 -16.53
CA GLY B 81 -15.01 -12.14 -17.87
C GLY B 81 -15.26 -13.25 -18.89
N LEU B 82 -14.89 -14.49 -18.51
CA LEU B 82 -15.15 -15.65 -19.35
C LEU B 82 -16.66 -15.86 -19.46
N TRP B 83 -17.36 -15.71 -18.33
CA TRP B 83 -18.79 -15.92 -18.37
C TRP B 83 -19.44 -14.88 -19.26
N GLU B 84 -18.98 -13.63 -19.15
CA GLU B 84 -19.49 -12.46 -19.87
C GLU B 84 -19.40 -12.65 -21.38
N ILE B 85 -18.19 -12.93 -21.89
CA ILE B 85 -17.93 -12.96 -23.32
C ILE B 85 -18.67 -14.14 -23.95
N GLN B 86 -18.97 -15.16 -23.13
CA GLN B 86 -19.65 -16.37 -23.57
C GLN B 86 -21.17 -16.20 -23.53
N ASN B 87 -21.69 -15.41 -22.56
CA ASN B 87 -23.12 -15.46 -22.30
C ASN B 87 -23.82 -14.16 -22.68
N ASN B 88 -23.10 -13.04 -22.59
CA ASN B 88 -23.74 -11.77 -22.91
C ASN B 88 -22.64 -10.78 -23.29
N PRO B 89 -21.91 -11.03 -24.38
CA PRO B 89 -20.77 -10.19 -24.75
C PRO B 89 -21.08 -8.74 -25.12
N HIS B 90 -22.36 -8.44 -25.39
CA HIS B 90 -22.76 -7.17 -25.97
C HIS B 90 -23.63 -6.40 -24.99
N ALA B 91 -23.74 -6.95 -23.77
CA ALA B 91 -24.46 -6.29 -22.68
C ALA B 91 -23.76 -5.00 -22.29
N SER B 92 -24.53 -4.09 -21.70
CA SER B 92 -24.00 -2.94 -21.00
C SER B 92 -23.58 -3.38 -19.59
N TYR B 93 -22.33 -3.11 -19.23
CA TYR B 93 -21.82 -3.49 -17.93
C TYR B 93 -21.45 -2.23 -17.15
N SER B 94 -21.85 -1.08 -17.70
CA SER B 94 -22.02 0.22 -17.07
C SER B 94 -21.26 0.33 -15.74
N HIS C 4 9.96 32.14 18.24
CA HIS C 4 9.54 31.23 19.34
C HIS C 4 10.77 30.57 19.98
N ALA C 5 10.64 30.21 21.28
CA ALA C 5 11.63 29.41 22.02
C ALA C 5 11.06 28.04 22.40
N PHE C 6 11.98 27.18 22.86
CA PHE C 6 11.66 25.80 23.17
C PHE C 6 11.85 25.58 24.67
N LYS C 7 10.82 25.00 25.31
CA LYS C 7 10.88 24.66 26.72
C LYS C 7 11.27 23.20 26.84
N PRO C 8 12.05 22.80 27.87
CA PRO C 8 12.48 21.40 28.02
C PRO C 8 11.27 20.45 27.91
N GLY C 9 11.46 19.31 27.24
CA GLY C 9 10.36 18.41 26.95
C GLY C 9 9.72 18.66 25.57
N ASP C 10 9.88 19.88 25.02
CA ASP C 10 9.34 20.29 23.72
C ASP C 10 9.78 19.32 22.62
N LEU C 11 8.81 18.85 21.82
CA LEU C 11 9.02 17.82 20.82
C LEU C 11 9.28 18.52 19.49
N VAL C 12 10.38 18.13 18.84
CA VAL C 12 10.92 18.78 17.65
C VAL C 12 11.24 17.73 16.58
N PHE C 13 11.53 18.24 15.38
CA PHE C 13 12.43 17.63 14.41
C PHE C 13 13.72 18.43 14.46
N ALA C 14 14.83 17.69 14.58
CA ALA C 14 16.14 18.30 14.79
C ALA C 14 17.00 17.94 13.59
N LYS C 15 17.50 18.97 12.91
CA LYS C 15 18.30 18.76 11.72
C LYS C 15 19.77 18.86 12.09
N MET C 16 20.52 17.77 11.93
CA MET C 16 21.98 17.80 11.93
C MET C 16 22.50 17.54 10.52
N LYS C 17 23.64 18.16 10.19
CA LYS C 17 24.39 17.91 8.96
C LYS C 17 24.74 16.42 8.94
N GLY C 18 24.37 15.76 7.83
CA GLY C 18 24.65 14.35 7.63
C GLY C 18 23.44 13.45 7.91
N TYR C 19 22.29 14.07 8.23
CA TYR C 19 21.20 13.35 8.87
C TYR C 19 19.86 13.96 8.40
N PRO C 20 18.83 13.11 8.22
CA PRO C 20 17.48 13.62 7.93
C PRO C 20 16.99 14.37 9.15
N HIS C 21 16.02 15.30 8.98
CA HIS C 21 15.40 15.90 10.15
C HIS C 21 14.92 14.80 11.09
N TRP C 22 15.34 14.84 12.37
CA TRP C 22 15.27 13.67 13.26
C TRP C 22 14.24 13.90 14.38
N PRO C 23 13.39 12.90 14.76
CA PRO C 23 12.46 13.10 15.88
C PRO C 23 13.24 13.24 17.19
N ALA C 24 12.99 14.33 17.93
CA ALA C 24 13.86 14.64 19.05
C ALA C 24 13.08 15.44 20.09
N ARG C 25 13.73 15.79 21.21
CA ARG C 25 13.09 16.61 22.21
C ARG C 25 14.15 17.56 22.81
N ILE C 26 13.72 18.73 23.30
CA ILE C 26 14.59 19.63 24.07
C ILE C 26 14.82 19.03 25.46
N ASP C 27 16.07 18.68 25.81
CA ASP C 27 16.43 18.27 27.17
C ASP C 27 16.44 19.46 28.16
N LYS C 35 26.84 23.86 30.49
CA LYS C 35 26.23 25.05 29.85
C LYS C 35 26.32 24.91 28.32
N PRO C 36 25.19 25.08 27.59
CA PRO C 36 25.18 24.90 26.14
C PRO C 36 25.97 25.98 25.42
N PRO C 37 26.72 25.66 24.33
CA PRO C 37 27.31 26.71 23.46
C PRO C 37 26.25 27.77 23.20
N PRO C 38 26.65 29.05 23.00
CA PRO C 38 25.69 30.17 22.94
C PRO C 38 24.57 30.05 21.91
N ASN C 39 23.35 30.08 22.43
CA ASN C 39 22.10 30.00 21.69
C ASN C 39 21.87 28.60 21.12
N LYS C 40 22.41 27.58 21.81
CA LYS C 40 22.23 26.18 21.49
C LYS C 40 21.35 25.53 22.56
N TYR C 41 20.36 24.74 22.12
CA TYR C 41 19.51 23.94 22.98
C TYR C 41 20.12 22.54 23.16
N PRO C 42 19.93 21.89 24.34
CA PRO C 42 20.37 20.51 24.52
C PRO C 42 19.28 19.63 23.93
N ILE C 43 19.65 18.78 22.98
CA ILE C 43 18.67 18.01 22.20
C ILE C 43 18.86 16.53 22.48
N PHE C 44 17.73 15.85 22.75
CA PHE C 44 17.68 14.39 22.91
C PHE C 44 16.97 13.82 21.68
N PHE C 45 17.66 12.93 20.98
CA PHE C 45 17.16 12.38 19.73
C PHE C 45 16.49 11.04 20.01
N PHE C 46 15.23 10.91 19.59
CA PHE C 46 14.51 9.66 19.75
C PHE C 46 15.18 8.57 18.92
N GLY C 47 14.99 7.30 19.37
CA GLY C 47 15.46 6.14 18.63
C GLY C 47 16.91 5.79 18.97
N THR C 48 17.84 6.70 18.66
CA THR C 48 19.27 6.54 18.90
C THR C 48 19.56 6.82 20.37
N HIS C 49 18.80 7.77 20.94
CA HIS C 49 18.92 8.19 22.33
C HIS C 49 20.18 9.04 22.55
N GLU C 50 20.64 9.70 21.49
CA GLU C 50 21.82 10.55 21.61
C GLU C 50 21.41 11.98 21.94
N THR C 51 22.39 12.78 22.38
CA THR C 51 22.24 14.20 22.65
C THR C 51 23.23 14.98 21.79
N ALA C 52 22.83 16.22 21.45
CA ALA C 52 23.65 17.18 20.74
C ALA C 52 23.16 18.59 21.11
N PHE C 53 23.95 19.61 20.75
CA PHE C 53 23.55 20.99 20.91
C PHE C 53 23.12 21.53 19.57
N LEU C 54 21.96 22.17 19.52
CA LEU C 54 21.50 22.68 18.24
C LEU C 54 20.98 24.10 18.45
N GLY C 55 21.21 24.96 17.44
CA GLY C 55 20.62 26.30 17.36
C GLY C 55 19.16 26.17 16.92
N PRO C 56 18.29 27.19 17.17
CA PRO C 56 16.87 27.05 16.83
C PRO C 56 16.66 26.90 15.34
N LYS C 57 17.69 27.26 14.55
CA LYS C 57 17.66 27.21 13.09
C LYS C 57 17.51 25.77 12.62
N ASP C 58 17.95 24.83 13.44
CA ASP C 58 17.91 23.43 13.06
C ASP C 58 16.73 22.75 13.74
N LEU C 59 15.84 23.54 14.35
CA LEU C 59 14.83 22.97 15.23
C LEU C 59 13.44 23.34 14.71
N PHE C 60 12.60 22.32 14.50
CA PHE C 60 11.27 22.58 13.98
C PHE C 60 10.28 21.94 14.93
N PRO C 61 9.14 22.59 15.27
CA PRO C 61 8.26 22.04 16.30
C PRO C 61 7.60 20.81 15.68
N TYR C 62 7.40 19.77 16.50
CA TYR C 62 6.90 18.47 16.06
C TYR C 62 5.56 18.61 15.37
N ASP C 63 4.57 19.18 16.08
CA ASP C 63 3.22 19.34 15.56
C ASP C 63 3.21 20.14 14.25
N LYS C 64 3.93 21.27 14.21
CA LYS C 64 3.91 22.14 13.05
C LYS C 64 4.49 21.43 11.82
N SER C 65 5.46 20.51 11.99
CA SER C 65 6.33 20.08 10.89
C SER C 65 6.29 18.59 10.56
N LYS C 66 5.50 17.80 11.32
CA LYS C 66 5.56 16.35 11.31
C LYS C 66 4.96 15.80 10.02
N ASP C 67 4.11 16.60 9.38
CA ASP C 67 3.59 16.25 8.06
C ASP C 67 4.77 16.15 7.08
N LYS C 68 5.78 16.99 7.29
CA LYS C 68 6.87 17.12 6.36
C LYS C 68 7.98 16.12 6.73
N TYR C 69 8.36 16.06 8.02
CA TYR C 69 9.55 15.30 8.39
C TYR C 69 9.21 13.98 9.06
N GLY C 70 7.95 13.82 9.53
CA GLY C 70 7.55 12.62 10.24
C GLY C 70 7.07 11.56 9.23
N LYS C 71 8.03 10.81 8.70
CA LYS C 71 7.73 9.83 7.66
C LYS C 71 8.94 8.90 7.66
N PRO C 72 8.76 7.59 7.45
CA PRO C 72 9.82 6.63 7.78
C PRO C 72 11.10 6.86 7.00
N ASN C 73 12.22 6.32 7.48
CA ASN C 73 13.34 6.11 6.57
C ASN C 73 14.33 5.16 7.25
N LYS C 74 15.30 4.68 6.47
CA LYS C 74 16.00 3.46 6.84
C LYS C 74 17.24 3.77 7.69
N ARG C 75 17.53 5.07 7.89
CA ARG C 75 18.64 5.51 8.74
C ARG C 75 18.51 4.85 10.12
N LYS C 76 19.63 4.45 10.73
CA LYS C 76 19.60 3.60 11.93
C LYS C 76 18.86 4.31 13.07
N GLY C 77 17.79 3.67 13.56
CA GLY C 77 17.11 4.15 14.75
C GLY C 77 16.04 5.19 14.44
N PHE C 78 15.94 5.62 13.17
CA PHE C 78 14.99 6.63 12.74
C PHE C 78 13.57 6.18 13.09
N ASN C 79 13.20 4.97 12.63
CA ASN C 79 11.82 4.50 12.65
C ASN C 79 11.39 4.25 14.08
N GLU C 80 12.27 3.64 14.85
CA GLU C 80 12.05 3.56 16.28
C GLU C 80 11.90 4.96 16.89
N GLY C 81 12.68 5.94 16.39
CA GLY C 81 12.59 7.29 16.92
C GLY C 81 11.19 7.88 16.71
N LEU C 82 10.61 7.64 15.53
CA LEU C 82 9.27 8.07 15.19
C LEU C 82 8.23 7.40 16.07
N TRP C 83 8.43 6.11 16.36
CA TRP C 83 7.54 5.44 17.29
C TRP C 83 7.56 6.15 18.65
N GLU C 84 8.74 6.55 19.11
CA GLU C 84 8.92 7.14 20.44
C GLU C 84 8.30 8.53 20.53
N ILE C 85 8.54 9.39 19.54
CA ILE C 85 8.04 10.76 19.59
C ILE C 85 6.51 10.77 19.64
N GLN C 86 5.88 9.72 19.09
CA GLN C 86 4.44 9.67 18.96
C GLN C 86 3.81 8.94 20.13
N ASN C 87 4.51 7.91 20.61
CA ASN C 87 3.92 6.94 21.52
C ASN C 87 4.46 7.11 22.94
N ASN C 88 5.78 7.29 23.08
CA ASN C 88 6.39 7.31 24.40
C ASN C 88 7.44 8.41 24.44
N PRO C 89 7.04 9.72 24.33
CA PRO C 89 7.98 10.81 24.13
C PRO C 89 8.59 11.42 25.39
N HIS C 90 8.22 10.90 26.58
CA HIS C 90 8.65 11.52 27.82
C HIS C 90 9.25 10.49 28.78
N ALA C 91 9.42 9.26 28.29
CA ALA C 91 10.16 8.23 28.99
C ALA C 91 11.62 8.68 29.13
N SER C 92 12.36 8.08 30.10
CA SER C 92 13.69 8.51 30.46
C SER C 92 14.80 7.91 29.58
N TYR C 93 14.72 6.61 29.30
CA TYR C 93 15.75 5.94 28.52
C TYR C 93 17.09 6.05 29.26
S SO4 D . 15.93 -9.68 10.58
O1 SO4 D . 16.12 -10.59 9.48
O2 SO4 D . 14.54 -9.34 10.68
O3 SO4 D . 16.38 -10.30 11.79
O4 SO4 D . 16.69 -8.48 10.34
S SO4 E . 6.85 -18.80 16.59
O1 SO4 E . 6.67 -18.91 15.17
O2 SO4 E . 5.56 -18.85 17.24
O3 SO4 E . 7.64 -19.91 17.05
O4 SO4 E . 7.51 -17.56 16.92
C1 EDO F . 0.08 -1.96 -1.78
O1 EDO F . -0.51 -0.66 -1.65
C2 EDO F . -0.86 -3.13 -1.88
O2 EDO F . -1.91 -3.18 -0.90
S SO4 G . 12.58 -0.90 10.80
O1 SO4 G . 11.57 -0.21 10.03
O2 SO4 G . 13.36 -1.72 9.92
O3 SO4 G . 13.42 0.05 11.46
O4 SO4 G . 11.96 -1.74 11.82
S SO4 H . -14.50 -13.66 -10.76
O1 SO4 H . -14.19 -13.44 -12.14
O2 SO4 H . -14.44 -15.08 -10.48
O3 SO4 H . -13.57 -12.95 -9.90
O4 SO4 H . -15.84 -13.18 -10.53
S SO4 I . 3.80 -10.65 -19.15
O1 SO4 I . 3.15 -9.37 -19.18
O2 SO4 I . 4.56 -10.81 -20.35
O3 SO4 I . 4.68 -10.71 -18.00
O4 SO4 I . 2.82 -11.72 -19.05
N1 K2S J . -5.56 -2.44 -16.88
C4 K2S J . -6.97 -3.53 -18.62
C5 K2S J . -5.91 -3.56 -15.10
C6 K2S J . -5.82 -3.94 -13.66
N K2S J . -7.02 -6.66 -16.46
C K2S J . -7.39 -7.15 -17.80
O K2S J . -9.05 -5.23 -16.61
C1 K2S J . -6.56 -7.67 -15.51
C2 K2S J . -6.74 -4.07 -16.10
C3 K2S J . -6.49 -3.35 -17.21
N2 K2S J . -5.18 -2.56 -15.58
O1 K2S J . -7.92 -5.56 -14.43
S K2S J . -7.86 -5.41 -15.85
C1 EDO K . 21.30 10.60 14.36
O1 EDO K . 21.79 9.30 14.67
C2 EDO K . 20.59 11.04 15.54
O2 EDO K . 21.33 10.62 16.64
S SO4 L . 21.77 18.45 4.12
O1 SO4 L . 20.35 18.36 3.90
O2 SO4 L . 22.42 17.30 3.57
O3 SO4 L . 22.28 19.65 3.49
O4 SO4 L . 22.03 18.51 5.54
#